data_6WH0
#
_entry.id   6WH0
#
_cell.length_a   53.401
_cell.length_b   69.726
_cell.length_c   72.523
_cell.angle_alpha   90.000
_cell.angle_beta   96.626
_cell.angle_gamma   90.000
#
_symmetry.space_group_name_H-M   'P 1 21 1'
#
loop_
_entity.id
_entity.type
_entity.pdbx_description
1 polymer 'Maltodextrin-binding protein,Bcl-2-like 4'
2 polymer 'Apoptosis regulator BAX'
3 branched alpha-D-glucopyranose-(1-4)-alpha-D-glucopyranose-(1-4)-alpha-D-glucopyranose
4 water water
#
loop_
_entity_poly.entity_id
_entity_poly.type
_entity_poly.pdbx_seq_one_letter_code
_entity_poly.pdbx_strand_id
1 'polypeptide(L)'
;MKIEEGKLVIWINGDKGYNGLAEVGKKFEKDTGIKVTVEHPDKLEEKFPQVAATGDGPDIIFWAHDRFGGYAQSGLLAEI
TPDKAFQDKLYPFTWDAVRYNGKLIAYPIAVEALSLIYNKDLLPNPPKTWEEIPALDKELKAKGKSALMFNLQEPYFTWP
LIAADGGYAFKYENGKYDIKDVGVDNAGAKAGLTFLVDLIKNKHMNADTDYSIAEAAFNKGETAMTINGPWAWSNIDTSK
VNYGVTVLPTFKGQPSKPFVGVLSAGINAASPNKELAKEFLENYLLTDEGLEAVNKDKPLGAVALKSYEEELAKDPRIAA
TMENAQKGEIMPNIPQMSAFWYAVRTAVINAASGRQTVDEALKDAQTNSSSMAGPPNAQEDNYKRIVKSYVGEKLRKKGL
KIRGYEGEELKPPVIEIAKTLQRVGDELESANTDFFKNMCDQLQITPSTAYPTFQSIADEIFVSGKNWGRVVAFLTFGGN
FAVHCALRADMGEEYVDRVVNWISKYMAVNLDYWINQQGGWDGFLIFFEKT
;
A
2 'polypeptide(L)' SRNGTVNKEVAHCLKRIGDDLVNNHQLN B
#
loop_
_chem_comp.id
_chem_comp.type
_chem_comp.name
_chem_comp.formula
GLC D-saccharide, alpha linking alpha-D-glucopyranose 'C6 H12 O6'
#
# COMPACT_ATOMS: atom_id res chain seq x y z
N MET A 1 -19.72 -2.76 -7.33
CA MET A 1 -19.58 -4.09 -7.99
C MET A 1 -18.65 -4.98 -7.16
N LYS A 2 -19.02 -6.25 -7.07
CA LYS A 2 -18.26 -7.28 -6.37
C LYS A 2 -17.30 -7.98 -7.33
N ILE A 3 -16.27 -8.60 -6.77
CA ILE A 3 -15.39 -9.40 -7.61
C ILE A 3 -16.20 -10.55 -8.19
N GLU A 4 -15.96 -10.84 -9.46
CA GLU A 4 -16.75 -11.84 -10.16
C GLU A 4 -15.90 -12.36 -11.31
N GLU A 5 -15.80 -13.67 -11.41
CA GLU A 5 -15.14 -14.28 -12.56
C GLU A 5 -15.77 -13.77 -13.86
N GLY A 6 -14.94 -13.46 -14.85
CA GLY A 6 -15.44 -13.02 -16.13
C GLY A 6 -15.85 -11.57 -16.20
N LYS A 7 -15.52 -10.76 -15.18
CA LYS A 7 -15.72 -9.32 -15.24
C LYS A 7 -14.56 -8.66 -14.51
N LEU A 8 -14.36 -7.38 -14.79
CA LEU A 8 -13.32 -6.58 -14.16
C LEU A 8 -13.95 -5.43 -13.39
N VAL A 9 -13.53 -5.24 -12.15
CA VAL A 9 -13.85 -4.05 -11.37
C VAL A 9 -12.55 -3.30 -11.08
N ILE A 10 -12.58 -1.99 -11.29
CA ILE A 10 -11.39 -1.13 -11.24
C ILE A 10 -11.65 -0.02 -10.22
N TRP A 11 -10.70 0.19 -9.30
CA TRP A 11 -10.73 1.32 -8.38
C TRP A 11 -9.68 2.34 -8.81
N ILE A 12 -10.10 3.60 -8.94
CA ILE A 12 -9.18 4.68 -9.32
C ILE A 12 -9.64 5.97 -8.66
N ASN A 13 -8.67 6.78 -8.25
CA ASN A 13 -8.95 8.00 -7.48
C ASN A 13 -9.74 8.98 -8.31
N GLY A 14 -10.61 9.74 -7.63
CA GLY A 14 -11.58 10.60 -8.29
C GLY A 14 -11.01 11.78 -9.05
N ASP A 15 -9.71 12.05 -8.94
CA ASP A 15 -9.14 13.16 -9.71
C ASP A 15 -8.59 12.74 -11.05
N LYS A 16 -8.66 11.45 -11.40
CA LYS A 16 -8.11 10.97 -12.65
C LYS A 16 -9.20 10.85 -13.72
N GLY A 17 -8.80 10.41 -14.92
CA GLY A 17 -9.68 10.35 -16.08
C GLY A 17 -10.55 9.11 -16.15
N TYR A 18 -11.41 8.93 -15.14
CA TYR A 18 -12.14 7.67 -15.02
C TYR A 18 -13.20 7.50 -16.09
N ASN A 19 -13.69 8.60 -16.67
CA ASN A 19 -14.69 8.45 -17.72
C ASN A 19 -14.04 8.05 -19.03
N GLY A 20 -12.82 8.53 -19.27
CA GLY A 20 -12.07 8.09 -20.43
C GLY A 20 -11.67 6.62 -20.34
N LEU A 21 -11.24 6.19 -19.15
CA LEU A 21 -10.98 4.78 -18.91
C LEU A 21 -12.23 3.96 -19.13
N ALA A 22 -13.38 4.44 -18.61
CA ALA A 22 -14.63 3.75 -18.81
C ALA A 22 -14.92 3.53 -20.29
N GLU A 23 -14.55 4.50 -21.15
CA GLU A 23 -14.77 4.32 -22.59
C GLU A 23 -13.89 3.21 -23.16
N VAL A 24 -12.65 3.09 -22.67
CA VAL A 24 -11.80 1.97 -23.08
C VAL A 24 -12.46 0.67 -22.67
N GLY A 25 -12.97 0.62 -21.43
CA GLY A 25 -13.84 -0.44 -20.94
C GLY A 25 -14.95 -0.81 -21.90
N LYS A 26 -15.75 0.17 -22.35
CA LYS A 26 -16.84 -0.12 -23.28
C LYS A 26 -16.31 -0.77 -24.56
N LYS A 27 -15.22 -0.22 -25.10
CA LYS A 27 -14.63 -0.78 -26.32
C LYS A 27 -14.18 -2.22 -26.11
N PHE A 28 -13.53 -2.50 -24.99
CA PHE A 28 -13.18 -3.86 -24.63
C PHE A 28 -14.41 -4.75 -24.64
N GLU A 29 -15.50 -4.31 -23.99
CA GLU A 29 -16.72 -5.12 -23.95
C GLU A 29 -17.25 -5.38 -25.35
N LYS A 30 -17.28 -4.36 -26.20
CA LYS A 30 -17.77 -4.55 -27.56
C LYS A 30 -16.95 -5.59 -28.29
N ASP A 31 -15.62 -5.51 -28.19
CA ASP A 31 -14.76 -6.38 -28.95
C ASP A 31 -14.66 -7.78 -28.35
N THR A 32 -14.87 -7.93 -27.03
CA THR A 32 -14.65 -9.22 -26.38
C THR A 32 -15.83 -9.77 -25.62
N GLY A 33 -16.83 -8.95 -25.32
CA GLY A 33 -17.94 -9.40 -24.50
C GLY A 33 -17.71 -9.35 -23.00
N ILE A 34 -16.57 -8.84 -22.52
CA ILE A 34 -16.25 -8.81 -21.10
C ILE A 34 -16.53 -7.42 -20.55
N LYS A 35 -17.28 -7.37 -19.45
CA LYS A 35 -17.78 -6.12 -18.88
C LYS A 35 -16.76 -5.53 -17.91
N VAL A 36 -16.55 -4.22 -18.01
CA VAL A 36 -15.59 -3.49 -17.19
C VAL A 36 -16.36 -2.41 -16.43
N THR A 37 -16.19 -2.36 -15.11
CA THR A 37 -16.83 -1.36 -14.27
C THR A 37 -15.76 -0.54 -13.54
N VAL A 38 -15.81 0.79 -13.68
CA VAL A 38 -14.83 1.69 -13.10
C VAL A 38 -15.49 2.44 -11.94
N GLU A 39 -14.88 2.35 -10.75
CA GLU A 39 -15.36 3.04 -9.55
C GLU A 39 -14.26 3.94 -9.00
N HIS A 40 -14.67 4.95 -8.24
CA HIS A 40 -13.75 5.90 -7.61
C HIS A 40 -14.10 6.14 -6.15
N PRO A 41 -13.91 5.14 -5.30
CA PRO A 41 -14.38 5.26 -3.90
C PRO A 41 -13.52 6.20 -3.06
N ASP A 42 -14.17 6.79 -2.05
CA ASP A 42 -13.47 7.62 -1.08
C ASP A 42 -12.48 6.80 -0.26
N LYS A 43 -11.29 7.37 -0.04
CA LYS A 43 -10.27 6.78 0.81
C LYS A 43 -9.92 5.35 0.39
N LEU A 44 -9.90 5.13 -0.92
CA LEU A 44 -9.73 3.77 -1.44
C LEU A 44 -8.39 3.18 -0.99
N GLU A 45 -7.38 4.03 -0.80
CA GLU A 45 -6.05 3.55 -0.44
C GLU A 45 -5.96 3.07 1.01
N GLU A 46 -6.89 3.48 1.88
CA GLU A 46 -7.00 2.93 3.22
C GLU A 46 -7.95 1.75 3.29
N LYS A 47 -8.94 1.68 2.40
CA LYS A 47 -9.90 0.58 2.42
C LYS A 47 -9.26 -0.70 1.88
N PHE A 48 -8.59 -0.60 0.73
CA PHE A 48 -8.01 -1.77 0.07
C PHE A 48 -7.29 -2.74 1.01
N PRO A 49 -6.32 -2.31 1.84
CA PRO A 49 -5.65 -3.26 2.73
C PRO A 49 -6.57 -3.86 3.78
N GLN A 50 -7.66 -3.19 4.16
CA GLN A 50 -8.61 -3.80 5.07
C GLN A 50 -9.44 -4.87 4.39
N VAL A 51 -9.97 -4.57 3.20
CA VAL A 51 -10.84 -5.54 2.55
C VAL A 51 -10.07 -6.57 1.74
N ALA A 52 -8.89 -6.24 1.20
CA ALA A 52 -8.10 -7.25 0.53
C ALA A 52 -7.65 -8.33 1.51
N ALA A 53 -7.37 -7.93 2.74
CA ALA A 53 -6.96 -8.87 3.78
C ALA A 53 -8.07 -9.84 4.15
N THR A 54 -9.27 -9.69 3.61
CA THR A 54 -10.36 -10.63 3.84
C THR A 54 -10.86 -11.24 2.54
N GLY A 55 -10.18 -10.98 1.42
CA GLY A 55 -10.55 -11.57 0.16
C GLY A 55 -11.46 -10.73 -0.70
N ASP A 56 -11.63 -9.45 -0.39
CA ASP A 56 -12.54 -8.57 -1.11
C ASP A 56 -11.74 -7.52 -1.88
N GLY A 57 -12.41 -6.44 -2.28
CA GLY A 57 -11.76 -5.37 -3.00
C GLY A 57 -11.84 -5.49 -4.52
N PRO A 58 -11.18 -4.60 -5.24
CA PRO A 58 -11.27 -4.62 -6.70
C PRO A 58 -10.32 -5.65 -7.30
N ASP A 59 -10.53 -5.94 -8.60
CA ASP A 59 -9.55 -6.71 -9.35
C ASP A 59 -8.29 -5.91 -9.56
N ILE A 60 -8.45 -4.64 -9.94
CA ILE A 60 -7.34 -3.76 -10.29
C ILE A 60 -7.47 -2.52 -9.41
N ILE A 61 -6.35 -2.11 -8.79
CA ILE A 61 -6.31 -0.91 -7.97
C ILE A 61 -5.30 0.07 -8.59
N PHE A 62 -5.74 1.32 -8.81
CA PHE A 62 -4.90 2.42 -9.29
C PHE A 62 -4.53 3.32 -8.12
N TRP A 63 -3.27 3.72 -8.02
CA TRP A 63 -2.74 4.66 -7.02
C TRP A 63 -1.28 4.87 -7.36
N ALA A 64 -0.70 5.96 -6.84
CA ALA A 64 0.73 6.14 -6.94
C ALA A 64 1.46 5.04 -6.17
N HIS A 65 2.75 4.83 -6.52
CA HIS A 65 3.46 3.63 -6.11
C HIS A 65 3.85 3.63 -4.65
N ASP A 66 3.81 4.77 -3.96
CA ASP A 66 4.35 4.80 -2.61
C ASP A 66 3.54 3.91 -1.68
N ARG A 67 2.29 3.61 -2.03
CA ARG A 67 1.43 2.82 -1.18
C ARG A 67 1.63 1.31 -1.33
N PHE A 68 2.26 0.85 -2.41
CA PHE A 68 2.16 -0.55 -2.80
C PHE A 68 3.11 -1.45 -2.01
N GLY A 69 4.29 -0.96 -1.62
CA GLY A 69 5.19 -1.77 -0.82
C GLY A 69 4.52 -2.31 0.43
N GLY A 70 3.79 -1.46 1.15
CA GLY A 70 3.01 -1.94 2.28
C GLY A 70 2.00 -3.00 1.89
N TYR A 71 1.32 -2.83 0.74
CA TYR A 71 0.34 -3.84 0.35
C TYR A 71 1.02 -5.16 0.00
N ALA A 72 2.10 -5.09 -0.77
CA ALA A 72 2.79 -6.31 -1.19
C ALA A 72 3.38 -7.06 -0.02
N GLN A 73 4.05 -6.34 0.88
CA GLN A 73 4.58 -7.01 2.06
C GLN A 73 3.47 -7.71 2.87
N SER A 74 2.24 -7.22 2.82
CA SER A 74 1.13 -7.91 3.47
C SER A 74 0.57 -9.04 2.64
N GLY A 75 1.03 -9.20 1.39
CA GLY A 75 0.58 -10.27 0.54
C GLY A 75 -0.62 -9.93 -0.31
N LEU A 76 -0.90 -8.66 -0.56
CA LEU A 76 -2.17 -8.26 -1.17
C LEU A 76 -2.06 -7.99 -2.66
N LEU A 77 -0.87 -8.05 -3.25
CA LEU A 77 -0.70 -7.76 -4.68
C LEU A 77 -0.04 -8.93 -5.40
N ALA A 78 -0.59 -9.28 -6.56
CA ALA A 78 -0.04 -10.37 -7.37
C ALA A 78 1.17 -9.90 -8.17
N GLU A 79 2.19 -10.76 -8.23
CA GLU A 79 3.38 -10.45 -9.02
C GLU A 79 3.04 -10.29 -10.50
N ILE A 80 3.73 -9.37 -11.17
CA ILE A 80 3.50 -9.03 -12.57
C ILE A 80 4.69 -9.53 -13.38
N THR A 81 4.45 -10.13 -14.55
CA THR A 81 5.54 -10.73 -15.34
C THR A 81 5.33 -10.62 -16.86
N PRO A 82 5.56 -9.45 -17.44
CA PRO A 82 5.31 -9.28 -18.87
C PRO A 82 6.43 -9.83 -19.76
N ASP A 83 6.07 -10.06 -21.03
CA ASP A 83 6.97 -10.41 -22.14
C ASP A 83 7.96 -9.27 -22.37
N LYS A 84 9.15 -9.63 -22.89
CA LYS A 84 10.16 -8.59 -23.11
C LYS A 84 9.66 -7.56 -24.10
N ALA A 85 8.96 -8.00 -25.15
CA ALA A 85 8.44 -7.08 -26.15
C ALA A 85 7.52 -6.05 -25.53
N PHE A 86 6.83 -6.41 -24.45
CA PHE A 86 5.97 -5.42 -23.84
C PHE A 86 6.70 -4.56 -22.82
N GLN A 87 7.51 -5.18 -21.95
CA GLN A 87 8.30 -4.42 -21.00
C GLN A 87 9.09 -3.32 -21.71
N ASP A 88 9.58 -3.60 -22.93
CA ASP A 88 10.37 -2.66 -23.70
C ASP A 88 9.57 -1.49 -24.25
N LYS A 89 8.24 -1.58 -24.25
CA LYS A 89 7.44 -0.48 -24.77
C LYS A 89 7.31 0.67 -23.78
N LEU A 90 7.69 0.44 -22.52
CA LEU A 90 7.59 1.43 -21.45
C LEU A 90 8.98 1.72 -20.88
N TYR A 91 9.12 2.90 -20.28
CA TYR A 91 10.45 3.35 -19.83
C TYR A 91 10.90 2.59 -18.58
N PRO A 92 12.20 2.26 -18.48
CA PRO A 92 12.64 1.39 -17.38
C PRO A 92 12.48 1.97 -15.99
N PHE A 93 12.70 3.28 -15.81
CA PHE A 93 12.58 3.86 -14.49
C PHE A 93 11.16 3.74 -13.95
N THR A 94 10.17 3.63 -14.83
CA THR A 94 8.79 3.45 -14.34
C THR A 94 8.59 2.03 -13.80
N TRP A 95 9.25 1.05 -14.41
CA TRP A 95 9.24 -0.30 -13.85
C TRP A 95 9.96 -0.35 -12.50
N ASP A 96 11.05 0.40 -12.34
CA ASP A 96 11.77 0.40 -11.08
C ASP A 96 10.90 0.88 -9.93
N ALA A 97 9.99 1.80 -10.19
CA ALA A 97 9.14 2.33 -9.14
C ALA A 97 8.26 1.25 -8.51
N VAL A 98 7.86 0.25 -9.29
CA VAL A 98 6.92 -0.77 -8.85
C VAL A 98 7.63 -2.10 -8.57
N ARG A 99 8.96 -2.08 -8.40
CA ARG A 99 9.73 -3.26 -8.02
C ARG A 99 9.89 -3.24 -6.50
N TYR A 100 9.46 -4.31 -5.84
CA TYR A 100 9.56 -4.44 -4.39
C TYR A 100 10.21 -5.78 -4.06
N ASN A 101 11.47 -5.76 -3.63
CA ASN A 101 12.22 -6.98 -3.34
C ASN A 101 12.28 -7.89 -4.56
N GLY A 102 12.70 -7.31 -5.68
CA GLY A 102 12.94 -8.08 -6.87
C GLY A 102 11.71 -8.46 -7.66
N LYS A 103 10.52 -8.18 -7.15
CA LYS A 103 9.27 -8.53 -7.81
C LYS A 103 8.55 -7.29 -8.27
N LEU A 104 8.15 -7.29 -9.53
CA LEU A 104 7.29 -6.25 -10.08
C LEU A 104 5.86 -6.50 -9.61
N ILE A 105 5.25 -5.52 -8.95
CA ILE A 105 3.96 -5.73 -8.31
C ILE A 105 2.87 -4.80 -8.88
N ALA A 106 3.15 -4.12 -9.99
CA ALA A 106 2.11 -3.35 -10.68
C ALA A 106 2.62 -2.92 -12.05
N TYR A 107 1.68 -2.39 -12.91
CA TYR A 107 1.99 -1.83 -14.23
C TYR A 107 2.12 -0.32 -14.14
N PRO A 108 3.24 0.28 -14.50
CA PRO A 108 3.32 1.75 -14.48
C PRO A 108 2.56 2.38 -15.63
N ILE A 109 1.87 3.50 -15.35
CA ILE A 109 0.98 4.15 -16.31
C ILE A 109 1.51 5.53 -16.69
N ALA A 110 1.72 6.40 -15.70
CA ALA A 110 2.14 7.76 -16.00
C ALA A 110 2.99 8.34 -14.88
N VAL A 111 3.96 9.19 -15.26
CA VAL A 111 4.80 9.88 -14.30
C VAL A 111 4.15 11.20 -13.93
N GLU A 112 4.07 11.48 -12.63
CA GLU A 112 3.34 12.62 -12.11
C GLU A 112 4.29 13.47 -11.28
N ALA A 113 4.35 14.76 -11.58
CA ALA A 113 5.04 15.70 -10.70
C ALA A 113 4.28 17.01 -10.62
N LEU A 114 4.32 17.62 -9.43
CA LEU A 114 3.84 18.99 -9.25
C LEU A 114 4.65 19.98 -10.09
N SER A 115 3.97 20.98 -10.66
CA SER A 115 4.62 22.12 -11.30
C SER A 115 3.96 23.41 -10.81
N LEU A 116 4.63 24.54 -11.06
CA LEU A 116 4.02 25.84 -10.84
C LEU A 116 3.16 26.21 -12.04
N ILE A 117 1.89 26.51 -11.79
CA ILE A 117 0.93 26.91 -12.81
C ILE A 117 0.56 28.36 -12.58
N TYR A 118 0.57 29.18 -13.64
CA TYR A 118 0.42 30.62 -13.48
C TYR A 118 -0.45 31.26 -14.55
N ASN A 119 -1.04 32.40 -14.16
CA ASN A 119 -1.96 33.21 -14.96
C ASN A 119 -1.15 34.23 -15.74
N LYS A 120 -0.92 33.95 -17.04
CA LYS A 120 -0.01 34.77 -17.82
C LYS A 120 -0.47 36.22 -17.91
N ASP A 121 -1.74 36.50 -17.62
CA ASP A 121 -2.23 37.86 -17.70
C ASP A 121 -1.96 38.62 -16.41
N LEU A 122 -2.03 37.94 -15.27
CA LEU A 122 -1.83 38.58 -13.99
C LEU A 122 -0.42 38.40 -13.43
N LEU A 123 0.37 37.48 -14.01
CA LEU A 123 1.77 37.26 -13.64
C LEU A 123 2.53 36.88 -14.90
N PRO A 124 2.66 37.77 -15.86
CA PRO A 124 3.12 37.36 -17.20
C PRO A 124 4.47 36.65 -17.23
N ASN A 125 5.26 36.83 -16.18
CA ASN A 125 6.53 36.14 -16.02
C ASN A 125 6.61 35.64 -14.59
N PRO A 126 6.69 34.33 -14.36
CA PRO A 126 6.50 33.82 -12.99
C PRO A 126 7.77 33.94 -12.16
N PRO A 127 7.64 33.99 -10.84
CA PRO A 127 8.82 34.07 -9.97
C PRO A 127 9.66 32.81 -10.08
N LYS A 128 10.98 32.98 -9.94
CA LYS A 128 11.89 31.85 -9.92
C LYS A 128 12.23 31.38 -8.49
N THR A 129 11.80 32.12 -7.46
CA THR A 129 12.24 31.88 -6.09
C THR A 129 11.07 32.00 -5.12
N TRP A 130 11.02 31.10 -4.12
CA TRP A 130 9.98 31.19 -3.10
C TRP A 130 10.05 32.53 -2.39
N GLU A 131 11.26 32.93 -2.01
CA GLU A 131 11.46 34.08 -1.14
C GLU A 131 10.82 35.36 -1.67
N GLU A 132 10.74 35.51 -2.98
CA GLU A 132 10.20 36.71 -3.60
C GLU A 132 8.66 36.70 -3.68
N ILE A 133 8.00 35.71 -3.09
CA ILE A 133 6.55 35.57 -3.24
C ILE A 133 5.85 36.50 -2.26
N PRO A 134 6.34 36.68 -1.03
CA PRO A 134 5.67 37.64 -0.12
C PRO A 134 5.57 39.06 -0.69
N ALA A 135 6.62 39.54 -1.36
CA ALA A 135 6.54 40.85 -1.98
C ALA A 135 5.53 40.86 -3.12
N LEU A 136 5.45 39.75 -3.87
CA LEU A 136 4.51 39.69 -4.98
C LEU A 136 3.07 39.75 -4.50
N ASP A 137 2.79 39.27 -3.28
CA ASP A 137 1.42 39.15 -2.80
C ASP A 137 0.84 40.50 -2.35
N LYS A 138 1.60 41.26 -1.55
CA LYS A 138 1.18 42.61 -1.20
C LYS A 138 0.96 43.46 -2.46
N GLU A 139 1.72 43.15 -3.51
CA GLU A 139 1.64 43.86 -4.78
C GLU A 139 0.36 43.51 -5.53
N LEU A 140 -0.14 42.28 -5.34
CA LEU A 140 -1.35 41.83 -6.01
C LEU A 140 -2.59 42.09 -5.17
N LYS A 141 -2.49 41.93 -3.85
CA LYS A 141 -3.61 42.29 -2.98
C LYS A 141 -3.92 43.78 -3.05
N ALA A 142 -2.92 44.60 -3.41
CA ALA A 142 -3.21 45.98 -3.80
C ALA A 142 -4.33 46.01 -4.82
N LYS A 143 -4.42 44.98 -5.67
CA LYS A 143 -5.39 44.92 -6.75
C LYS A 143 -6.52 43.94 -6.48
N GLY A 144 -6.74 43.57 -5.23
CA GLY A 144 -7.76 42.58 -4.93
C GLY A 144 -7.45 41.22 -5.49
N LYS A 145 -6.17 40.88 -5.62
CA LYS A 145 -5.72 39.60 -6.13
C LYS A 145 -4.76 38.98 -5.12
N SER A 146 -4.48 37.69 -5.31
CA SER A 146 -3.50 36.98 -4.50
C SER A 146 -2.37 36.50 -5.39
N ALA A 147 -1.21 36.27 -4.77
CA ALA A 147 -0.09 35.73 -5.52
C ALA A 147 -0.20 34.21 -5.69
N LEU A 148 -0.52 33.49 -4.62
CA LEU A 148 -0.40 32.05 -4.64
C LEU A 148 -1.37 31.38 -3.68
N MET A 149 -2.06 30.36 -4.19
CA MET A 149 -2.94 29.53 -3.37
C MET A 149 -2.79 28.07 -3.80
N PHE A 150 -2.46 27.20 -2.86
CA PHE A 150 -2.42 25.76 -3.13
C PHE A 150 -2.84 25.02 -1.86
N ASN A 151 -3.06 23.71 -2.03
CA ASN A 151 -3.61 22.86 -0.97
C ASN A 151 -2.59 22.67 0.15
N LEU A 152 -2.86 23.27 1.32
CA LEU A 152 -2.04 23.07 2.50
C LEU A 152 -2.51 21.90 3.36
N GLN A 153 -3.53 21.16 2.92
CA GLN A 153 -4.09 20.08 3.74
C GLN A 153 -3.45 18.73 3.49
N GLU A 154 -2.80 18.54 2.35
CA GLU A 154 -2.11 17.29 2.04
C GLU A 154 -0.61 17.53 2.02
N PRO A 155 0.19 16.78 2.77
CA PRO A 155 1.64 17.07 2.79
C PRO A 155 2.33 16.95 1.43
N TYR A 156 1.80 16.13 0.53
CA TYR A 156 2.30 16.07 -0.85
C TYR A 156 2.64 17.47 -1.36
N PHE A 157 1.79 18.46 -1.06
CA PHE A 157 1.93 19.77 -1.69
C PHE A 157 3.01 20.60 -1.04
N THR A 158 3.25 20.40 0.25
CA THR A 158 4.22 21.21 0.97
C THR A 158 5.58 20.57 1.04
N TRP A 159 5.65 19.27 0.78
CA TRP A 159 6.92 18.55 0.88
C TRP A 159 8.02 19.06 -0.04
N PRO A 160 7.74 19.51 -1.25
CA PRO A 160 8.85 20.03 -2.08
C PRO A 160 9.63 21.13 -1.39
N LEU A 161 8.93 21.96 -0.62
CA LEU A 161 9.61 23.03 0.10
C LEU A 161 10.34 22.49 1.32
N ILE A 162 9.73 21.54 2.04
CA ILE A 162 10.38 21.00 3.23
C ILE A 162 11.67 20.28 2.86
N ALA A 163 11.68 19.62 1.70
CA ALA A 163 12.84 18.86 1.27
C ALA A 163 13.94 19.74 0.72
N ALA A 164 13.58 20.92 0.20
CA ALA A 164 14.50 21.72 -0.59
C ALA A 164 15.86 21.88 0.07
N ASP A 165 15.89 22.29 1.34
CA ASP A 165 17.15 22.60 2.02
C ASP A 165 17.62 21.47 2.94
N GLY A 166 17.15 20.25 2.71
CA GLY A 166 17.72 19.12 3.39
C GLY A 166 16.75 18.17 4.06
N GLY A 167 15.45 18.46 3.98
CA GLY A 167 14.47 17.53 4.49
C GLY A 167 14.51 16.21 3.73
N TYR A 168 14.31 15.11 4.46
CA TYR A 168 14.23 13.80 3.83
C TYR A 168 13.44 12.88 4.76
N ALA A 169 12.92 11.81 4.18
CA ALA A 169 12.06 10.87 4.92
C ALA A 169 12.89 9.76 5.54
N PHE A 170 13.50 8.91 4.71
CA PHE A 170 14.37 7.86 5.20
C PHE A 170 15.72 7.90 4.50
N LYS A 171 16.77 7.76 5.30
CA LYS A 171 18.12 7.74 4.77
C LYS A 171 18.33 6.49 3.92
N TYR A 172 18.95 6.64 2.77
CA TYR A 172 19.15 5.45 1.95
C TYR A 172 20.41 4.73 2.40
N LYS A 176 18.06 -1.22 2.21
CA LYS A 176 19.16 -0.26 2.43
C LYS A 176 18.61 1.10 2.89
N TYR A 177 17.33 1.11 3.30
CA TYR A 177 16.74 2.26 3.99
C TYR A 177 16.74 2.02 5.48
N ASP A 178 17.18 3.01 6.26
CA ASP A 178 17.26 2.89 7.70
C ASP A 178 15.94 3.39 8.32
N ILE A 179 15.14 2.47 8.85
CA ILE A 179 13.90 2.83 9.52
C ILE A 179 14.14 3.85 10.62
N LYS A 180 15.34 3.86 11.20
CA LYS A 180 15.61 4.58 12.44
C LYS A 180 16.30 5.92 12.21
N ASP A 181 16.52 6.31 10.96
CA ASP A 181 17.11 7.60 10.61
C ASP A 181 16.14 8.29 9.67
N VAL A 182 15.28 9.16 10.18
CA VAL A 182 14.19 9.67 9.36
C VAL A 182 14.54 11.01 8.71
N GLY A 183 14.86 12.03 9.50
CA GLY A 183 15.29 13.29 8.95
C GLY A 183 14.22 14.34 8.70
N VAL A 184 13.08 14.23 9.38
CA VAL A 184 12.01 15.22 9.30
C VAL A 184 12.19 16.34 10.32
N ASP A 185 13.11 16.18 11.26
CA ASP A 185 13.41 17.22 12.25
C ASP A 185 14.86 17.68 12.13
N ASN A 186 15.40 17.69 10.92
CA ASN A 186 16.74 18.25 10.74
C ASN A 186 16.60 19.75 10.47
N ALA A 187 17.73 20.42 10.23
CA ALA A 187 17.71 21.88 10.12
C ALA A 187 17.06 22.33 8.83
N GLY A 188 17.32 21.64 7.72
CA GLY A 188 16.71 22.02 6.46
C GLY A 188 15.20 21.85 6.47
N ALA A 189 14.72 20.80 7.13
CA ALA A 189 13.28 20.63 7.29
C ALA A 189 12.68 21.76 8.12
N LYS A 190 13.25 22.04 9.29
CA LYS A 190 12.77 23.15 10.10
C LYS A 190 12.76 24.45 9.31
N ALA A 191 13.75 24.64 8.44
CA ALA A 191 13.86 25.88 7.68
C ALA A 191 12.76 25.99 6.63
N GLY A 192 12.36 24.88 6.04
CA GLY A 192 11.34 24.96 4.99
C GLY A 192 9.94 25.13 5.55
N LEU A 193 9.62 24.37 6.60
CA LEU A 193 8.32 24.53 7.23
C LEU A 193 8.20 25.88 7.92
N THR A 194 9.30 26.46 8.37
CA THR A 194 9.24 27.80 8.95
C THR A 194 8.86 28.81 7.88
N PHE A 195 9.49 28.73 6.71
CA PHE A 195 9.08 29.61 5.62
C PHE A 195 7.59 29.49 5.39
N LEU A 196 7.10 28.24 5.27
CA LEU A 196 5.69 28.02 4.99
C LEU A 196 4.82 28.69 6.04
N VAL A 197 5.11 28.40 7.32
CA VAL A 197 4.29 28.90 8.40
C VAL A 197 4.41 30.42 8.53
N ASP A 198 5.53 30.98 8.09
CA ASP A 198 5.67 32.43 8.15
C ASP A 198 4.81 33.09 7.07
N LEU A 199 4.75 32.48 5.88
CA LEU A 199 3.84 32.97 4.85
C LEU A 199 2.42 33.07 5.38
N ILE A 200 2.00 32.09 6.19
CA ILE A 200 0.64 32.09 6.74
C ILE A 200 0.49 33.17 7.80
N LYS A 201 1.35 33.13 8.83
CA LYS A 201 1.26 34.12 9.89
C LYS A 201 1.32 35.54 9.37
N ASN A 202 2.04 35.76 8.26
CA ASN A 202 2.16 37.08 7.65
C ASN A 202 1.07 37.34 6.62
N LYS A 203 0.00 36.52 6.62
CA LYS A 203 -1.24 36.78 5.91
C LYS A 203 -1.09 36.69 4.40
N HIS A 204 -0.16 35.88 3.90
CA HIS A 204 -0.03 35.68 2.46
C HIS A 204 -0.73 34.41 1.98
N MET A 205 -1.01 33.48 2.89
CA MET A 205 -1.84 32.32 2.64
C MET A 205 -2.68 32.07 3.89
N ASN A 206 -3.73 31.27 3.72
CA ASN A 206 -4.66 30.92 4.78
C ASN A 206 -4.50 29.44 5.11
N ALA A 207 -4.23 29.14 6.39
CA ALA A 207 -3.93 27.77 6.80
C ALA A 207 -5.08 26.82 6.51
N ASP A 208 -6.27 27.34 6.21
CA ASP A 208 -7.43 26.51 5.91
C ASP A 208 -7.49 26.06 4.45
N THR A 209 -6.71 26.69 3.58
CA THR A 209 -6.83 26.47 2.14
C THR A 209 -6.63 25.00 1.78
N ASP A 210 -7.42 24.50 0.83
CA ASP A 210 -7.42 23.10 0.44
C ASP A 210 -7.55 23.02 -1.08
N TYR A 211 -7.80 21.81 -1.61
CA TYR A 211 -7.70 21.60 -3.05
C TYR A 211 -8.72 22.45 -3.80
N SER A 212 -9.99 22.35 -3.41
CA SER A 212 -11.04 23.06 -4.15
C SER A 212 -10.91 24.57 -4.03
N ILE A 213 -10.58 25.08 -2.85
CA ILE A 213 -10.49 26.52 -2.67
C ILE A 213 -9.43 27.10 -3.60
N ALA A 214 -8.27 26.44 -3.71
CA ALA A 214 -7.22 26.95 -4.59
C ALA A 214 -7.63 26.85 -6.06
N GLU A 215 -8.27 25.76 -6.46
CA GLU A 215 -8.63 25.59 -7.87
C GLU A 215 -9.64 26.65 -8.31
N ALA A 216 -10.71 26.82 -7.53
CA ALA A 216 -11.67 27.89 -7.83
C ALA A 216 -10.96 29.24 -7.95
N ALA A 217 -10.15 29.59 -6.94
CA ALA A 217 -9.39 30.83 -6.97
C ALA A 217 -8.69 31.00 -8.31
N PHE A 218 -7.84 30.04 -8.69
CA PHE A 218 -7.01 30.24 -9.88
C PHE A 218 -7.86 30.25 -11.14
N ASN A 219 -8.85 29.34 -11.24
CA ASN A 219 -9.62 29.22 -12.47
C ASN A 219 -10.70 30.30 -12.60
N LYS A 220 -10.96 31.06 -11.54
CA LYS A 220 -11.79 32.25 -11.64
C LYS A 220 -10.97 33.50 -11.93
N GLY A 221 -9.67 33.46 -11.69
CA GLY A 221 -8.79 34.59 -11.91
C GLY A 221 -8.39 35.34 -10.66
N GLU A 222 -8.65 34.79 -9.48
CA GLU A 222 -8.49 35.51 -8.23
C GLU A 222 -7.10 35.39 -7.63
N THR A 223 -6.33 34.37 -8.03
CA THR A 223 -4.95 34.22 -7.60
C THR A 223 -4.08 33.99 -8.83
N ALA A 224 -2.83 34.47 -8.74
CA ALA A 224 -1.97 34.44 -9.92
C ALA A 224 -1.32 33.08 -10.15
N MET A 225 -1.11 32.29 -9.09
CA MET A 225 -0.44 31.02 -9.23
C MET A 225 -1.08 29.96 -8.35
N THR A 226 -0.76 28.72 -8.68
CA THR A 226 -1.11 27.56 -7.87
C THR A 226 -0.09 26.48 -8.20
N ILE A 227 -0.05 25.44 -7.37
CA ILE A 227 0.87 24.31 -7.53
C ILE A 227 0.00 23.07 -7.70
N ASN A 228 0.24 22.30 -8.76
CA ASN A 228 -0.65 21.19 -9.03
C ASN A 228 -0.08 20.28 -10.12
N GLY A 229 -0.77 19.17 -10.34
CA GLY A 229 -0.33 18.15 -11.27
C GLY A 229 -1.12 18.18 -12.56
N PRO A 230 -0.72 17.35 -13.52
CA PRO A 230 -1.37 17.39 -14.84
C PRO A 230 -2.87 17.09 -14.84
N TRP A 231 -3.37 16.30 -13.87
CA TRP A 231 -4.80 16.02 -13.80
C TRP A 231 -5.61 17.32 -13.78
N ALA A 232 -5.03 18.42 -13.30
CA ALA A 232 -5.79 19.66 -13.14
C ALA A 232 -5.90 20.49 -14.42
N TRP A 233 -5.04 20.24 -15.42
CA TRP A 233 -5.02 21.11 -16.59
C TRP A 233 -6.40 21.20 -17.23
N SER A 234 -7.16 20.10 -17.18
CA SER A 234 -8.41 20.02 -17.94
C SER A 234 -9.40 21.07 -17.49
N ASN A 235 -9.55 21.24 -16.17
CA ASN A 235 -10.48 22.26 -15.68
C ASN A 235 -9.97 23.66 -16.00
N ILE A 236 -8.66 23.86 -16.06
CA ILE A 236 -8.15 25.18 -16.41
C ILE A 236 -8.52 25.54 -17.86
N ASP A 237 -8.35 24.59 -18.78
CA ASP A 237 -8.71 24.85 -20.17
C ASP A 237 -10.15 25.30 -20.31
N THR A 238 -11.07 24.70 -19.55
CA THR A 238 -12.48 25.05 -19.66
C THR A 238 -12.72 26.47 -19.16
N SER A 239 -11.99 26.89 -18.13
CA SER A 239 -12.14 28.22 -17.58
C SER A 239 -11.76 29.32 -18.57
N LYS A 240 -11.04 28.97 -19.63
CA LYS A 240 -10.50 29.90 -20.61
C LYS A 240 -9.37 30.74 -20.03
N VAL A 241 -8.95 30.50 -18.80
CA VAL A 241 -7.84 31.29 -18.27
C VAL A 241 -6.63 31.12 -19.18
N ASN A 242 -5.83 32.17 -19.26
CA ASN A 242 -4.61 32.19 -20.07
C ASN A 242 -3.44 31.78 -19.19
N TYR A 243 -3.17 30.47 -19.12
CA TYR A 243 -2.15 29.96 -18.21
C TYR A 243 -0.96 29.35 -18.93
N GLY A 244 0.10 29.12 -18.14
CA GLY A 244 1.23 28.32 -18.57
C GLY A 244 1.73 27.47 -17.42
N VAL A 245 2.60 26.50 -17.75
CA VAL A 245 3.07 25.50 -16.80
C VAL A 245 4.60 25.48 -16.79
N THR A 246 5.20 25.65 -15.60
CA THR A 246 6.65 25.85 -15.53
C THR A 246 7.24 25.25 -14.24
N VAL A 247 8.55 25.43 -14.11
CA VAL A 247 9.31 24.87 -13.00
C VAL A 247 8.99 25.60 -11.71
N LEU A 248 8.96 24.83 -10.60
CA LEU A 248 8.71 25.37 -9.27
C LEU A 248 9.81 26.34 -8.87
N PRO A 249 9.54 27.21 -7.91
CA PRO A 249 10.58 28.12 -7.42
C PRO A 249 11.60 27.39 -6.55
N THR A 250 12.74 28.06 -6.39
CA THR A 250 13.80 27.58 -5.52
C THR A 250 13.65 28.15 -4.11
N PHE A 251 14.24 27.43 -3.14
CA PHE A 251 14.31 27.85 -1.75
C PHE A 251 15.77 27.80 -1.32
N LYS A 252 16.29 28.92 -0.81
CA LYS A 252 17.69 29.04 -0.40
C LYS A 252 18.62 28.59 -1.52
N GLY A 253 18.26 28.92 -2.76
CA GLY A 253 19.10 28.65 -3.91
C GLY A 253 18.98 27.27 -4.49
N GLN A 254 18.22 26.37 -3.86
CA GLN A 254 18.16 24.98 -4.26
C GLN A 254 16.76 24.63 -4.74
N PRO A 255 16.65 23.64 -5.62
CA PRO A 255 15.35 23.38 -6.24
C PRO A 255 14.34 22.89 -5.21
N SER A 256 13.08 23.25 -5.42
CA SER A 256 12.01 22.52 -4.76
C SER A 256 12.07 21.06 -5.19
N LYS A 257 12.02 20.14 -4.21
CA LYS A 257 12.23 18.72 -4.50
C LYS A 257 10.94 17.94 -4.30
N PRO A 258 10.05 17.93 -5.28
CA PRO A 258 8.79 17.19 -5.12
C PRO A 258 9.03 15.68 -5.05
N PHE A 259 8.26 15.01 -4.19
CA PHE A 259 8.18 13.55 -4.22
C PHE A 259 7.38 13.14 -5.46
N VAL A 260 8.00 12.36 -6.34
CA VAL A 260 7.46 12.05 -7.65
C VAL A 260 6.73 10.72 -7.60
N GLY A 261 5.53 10.67 -8.17
CA GLY A 261 4.71 9.48 -8.18
C GLY A 261 4.54 8.93 -9.59
N VAL A 262 4.44 7.61 -9.67
CA VAL A 262 4.11 6.90 -10.89
C VAL A 262 2.72 6.29 -10.70
N LEU A 263 1.72 6.84 -11.37
CA LEU A 263 0.40 6.20 -11.35
C LEU A 263 0.56 4.77 -11.86
N SER A 264 0.09 3.83 -11.05
CA SER A 264 0.33 2.41 -11.28
C SER A 264 -0.98 1.65 -11.13
N ALA A 265 -1.10 0.52 -11.82
CA ALA A 265 -2.23 -0.38 -11.68
C ALA A 265 -1.75 -1.71 -11.10
N GLY A 266 -2.17 -2.00 -9.86
CA GLY A 266 -1.84 -3.27 -9.23
C GLY A 266 -3.00 -4.25 -9.28
N ILE A 267 -2.69 -5.54 -9.22
CA ILE A 267 -3.69 -6.59 -9.34
C ILE A 267 -3.85 -7.28 -7.99
N ASN A 268 -5.05 -7.20 -7.44
CA ASN A 268 -5.36 -7.78 -6.14
C ASN A 268 -4.97 -9.26 -6.11
N ALA A 269 -4.24 -9.66 -5.06
CA ALA A 269 -3.87 -11.06 -4.91
C ALA A 269 -5.05 -11.97 -4.72
N ALA A 270 -6.24 -11.44 -4.41
CA ALA A 270 -7.45 -12.22 -4.29
C ALA A 270 -8.26 -12.27 -5.58
N SER A 271 -7.82 -11.61 -6.63
CA SER A 271 -8.59 -11.59 -7.86
C SER A 271 -8.58 -12.97 -8.53
N PRO A 272 -9.67 -13.42 -9.07
CA PRO A 272 -9.66 -14.60 -9.98
C PRO A 272 -9.57 -14.25 -11.46
N ASN A 273 -9.30 -12.99 -11.80
CA ASN A 273 -9.20 -12.55 -13.19
C ASN A 273 -7.81 -12.00 -13.50
N LYS A 274 -6.77 -12.60 -12.91
CA LYS A 274 -5.43 -12.02 -13.04
C LYS A 274 -4.99 -11.94 -14.50
N GLU A 275 -5.21 -13.00 -15.27
CA GLU A 275 -4.71 -13.00 -16.64
C GLU A 275 -5.55 -12.08 -17.53
N LEU A 276 -6.87 -12.05 -17.34
CA LEU A 276 -7.71 -11.11 -18.08
C LEU A 276 -7.34 -9.66 -17.75
N ALA A 277 -7.06 -9.38 -16.47
CA ALA A 277 -6.65 -8.03 -16.10
C ALA A 277 -5.39 -7.61 -16.83
N LYS A 278 -4.46 -8.55 -17.02
CA LYS A 278 -3.17 -8.21 -17.63
C LYS A 278 -3.31 -7.88 -19.11
N GLU A 279 -4.07 -8.68 -19.85
CA GLU A 279 -4.23 -8.47 -21.29
C GLU A 279 -5.12 -7.27 -21.64
N PHE A 280 -6.04 -6.89 -20.74
CA PHE A 280 -6.75 -5.62 -20.92
C PHE A 280 -5.79 -4.45 -20.79
N LEU A 281 -5.04 -4.41 -19.69
CA LEU A 281 -4.07 -3.34 -19.46
C LEU A 281 -3.06 -3.25 -20.60
N GLU A 282 -2.54 -4.39 -21.05
CA GLU A 282 -1.47 -4.36 -22.03
C GLU A 282 -1.98 -4.07 -23.45
N ASN A 283 -3.16 -4.59 -23.81
CA ASN A 283 -3.64 -4.39 -25.17
C ASN A 283 -4.73 -3.34 -25.33
N TYR A 284 -5.32 -2.85 -24.24
CA TYR A 284 -6.34 -1.81 -24.35
C TYR A 284 -5.95 -0.51 -23.68
N LEU A 285 -5.49 -0.52 -22.43
CA LEU A 285 -5.07 0.73 -21.80
C LEU A 285 -3.75 1.21 -22.41
N LEU A 286 -2.72 0.37 -22.39
CA LEU A 286 -1.36 0.79 -22.73
C LEU A 286 -1.10 0.71 -24.23
N THR A 287 -1.94 1.41 -24.99
CA THR A 287 -1.70 1.70 -26.41
C THR A 287 -1.85 3.20 -26.63
N ASP A 288 -1.58 3.64 -27.86
CA ASP A 288 -1.79 5.05 -28.20
C ASP A 288 -3.26 5.45 -28.07
N GLU A 289 -4.16 4.61 -28.59
CA GLU A 289 -5.58 4.93 -28.57
C GLU A 289 -6.15 4.83 -27.16
N GLY A 290 -5.61 3.94 -26.34
CA GLY A 290 -6.11 3.75 -24.99
C GLY A 290 -5.74 4.88 -24.05
N LEU A 291 -4.46 5.22 -23.98
CA LEU A 291 -4.01 6.32 -23.13
C LEU A 291 -4.58 7.64 -23.60
N GLU A 292 -4.83 7.77 -24.91
CA GLU A 292 -5.40 9.01 -25.41
C GLU A 292 -6.83 9.17 -24.92
N ALA A 293 -7.60 8.09 -24.92
CA ALA A 293 -8.97 8.17 -24.41
C ALA A 293 -9.00 8.66 -22.96
N VAL A 294 -8.09 8.16 -22.13
CA VAL A 294 -8.02 8.61 -20.75
C VAL A 294 -7.50 10.05 -20.68
N ASN A 295 -6.44 10.33 -21.44
CA ASN A 295 -5.84 11.66 -21.41
C ASN A 295 -6.84 12.74 -21.76
N LYS A 296 -7.79 12.45 -22.66
CA LYS A 296 -8.75 13.47 -23.06
C LYS A 296 -9.62 13.87 -21.86
N ASP A 297 -9.88 12.92 -20.98
CA ASP A 297 -10.72 13.18 -19.81
C ASP A 297 -9.98 14.06 -18.82
N LYS A 298 -8.86 13.58 -18.31
CA LYS A 298 -7.99 14.34 -17.43
C LYS A 298 -6.58 14.01 -17.90
N PRO A 299 -5.70 15.00 -18.07
CA PRO A 299 -4.33 14.66 -18.50
C PRO A 299 -3.59 13.77 -17.51
N LEU A 300 -2.86 12.80 -18.08
CA LEU A 300 -2.11 11.84 -17.29
C LEU A 300 -0.72 12.33 -16.90
N GLY A 301 -0.15 13.23 -17.70
CA GLY A 301 1.23 13.62 -17.53
C GLY A 301 2.15 12.95 -18.53
N ALA A 302 3.33 12.54 -18.05
CA ALA A 302 4.32 11.88 -18.89
C ALA A 302 4.08 10.37 -18.87
N VAL A 303 3.51 9.85 -19.95
CA VAL A 303 3.06 8.47 -19.94
C VAL A 303 4.26 7.53 -20.04
N ALA A 304 4.08 6.32 -19.51
CA ALA A 304 5.14 5.34 -19.57
C ALA A 304 5.31 4.76 -20.95
N LEU A 305 4.33 4.91 -21.83
CA LEU A 305 4.34 4.24 -23.13
C LEU A 305 5.13 5.06 -24.14
N LYS A 306 6.32 4.55 -24.52
CA LYS A 306 7.24 5.30 -25.35
C LYS A 306 6.56 5.88 -26.60
N SER A 307 5.75 5.08 -27.30
CA SER A 307 5.24 5.53 -28.59
C SER A 307 4.35 6.75 -28.47
N TYR A 308 3.62 6.88 -27.37
CA TYR A 308 2.69 7.98 -27.21
C TYR A 308 3.36 9.20 -26.59
N GLU A 309 4.19 9.00 -25.57
CA GLU A 309 4.93 10.10 -24.95
C GLU A 309 5.79 10.88 -25.96
N GLU A 310 6.28 10.22 -27.01
CA GLU A 310 7.09 10.93 -28.01
C GLU A 310 6.29 12.01 -28.73
N GLU A 311 4.97 11.86 -28.83
CA GLU A 311 4.14 12.96 -29.28
C GLU A 311 3.88 13.95 -28.14
N LEU A 312 3.45 13.41 -26.99
CA LEU A 312 3.13 14.26 -25.85
C LEU A 312 4.28 15.15 -25.45
N ALA A 313 5.52 14.66 -25.61
CA ALA A 313 6.69 15.38 -25.12
C ALA A 313 6.83 16.76 -25.76
N LYS A 314 6.21 16.97 -26.92
CA LYS A 314 6.30 18.23 -27.64
C LYS A 314 5.36 19.29 -27.11
N ASP A 315 4.55 18.96 -26.12
CA ASP A 315 3.72 19.90 -25.40
C ASP A 315 4.55 20.55 -24.31
N PRO A 316 4.69 21.89 -24.32
CA PRO A 316 5.52 22.53 -23.28
C PRO A 316 5.13 22.14 -21.88
N ARG A 317 3.84 21.80 -21.64
CA ARG A 317 3.37 21.45 -20.31
C ARG A 317 3.98 20.13 -19.84
N ILE A 318 4.21 19.20 -20.76
CA ILE A 318 4.86 17.94 -20.39
C ILE A 318 6.35 18.16 -20.15
N ALA A 319 6.97 19.05 -20.93
CA ALA A 319 8.37 19.38 -20.70
C ALA A 319 8.58 19.88 -19.29
N ALA A 320 7.73 20.82 -18.85
CA ALA A 320 7.82 21.34 -17.50
C ALA A 320 7.58 20.25 -16.47
N THR A 321 6.63 19.34 -16.76
CA THR A 321 6.39 18.23 -15.83
C THR A 321 7.68 17.46 -15.59
N MET A 322 8.38 17.12 -16.66
CA MET A 322 9.59 16.29 -16.55
C MET A 322 10.76 17.04 -15.93
N GLU A 323 10.82 18.36 -16.11
CA GLU A 323 11.86 19.14 -15.45
C GLU A 323 11.70 19.09 -13.94
N ASN A 324 10.48 19.31 -13.46
CA ASN A 324 10.22 19.25 -12.02
C ASN A 324 10.44 17.85 -11.47
N ALA A 325 10.19 16.81 -12.29
CA ALA A 325 10.37 15.45 -11.81
C ALA A 325 11.84 15.12 -11.61
N GLN A 326 12.71 15.65 -12.47
CA GLN A 326 14.14 15.36 -12.34
C GLN A 326 14.78 16.06 -11.15
N LYS A 327 14.16 17.13 -10.65
CA LYS A 327 14.71 17.83 -9.50
C LYS A 327 14.26 17.23 -8.18
N GLY A 328 13.25 16.36 -8.19
CA GLY A 328 12.73 15.74 -6.99
C GLY A 328 13.31 14.36 -6.77
N GLU A 329 12.58 13.55 -6.00
CA GLU A 329 12.94 12.15 -5.77
C GLU A 329 11.75 11.27 -6.11
N ILE A 330 11.99 10.17 -6.82
CA ILE A 330 10.98 9.13 -6.91
C ILE A 330 10.70 8.62 -5.50
N MET A 331 9.42 8.57 -5.13
CA MET A 331 9.06 8.17 -3.77
C MET A 331 9.55 6.75 -3.47
N PRO A 332 9.92 6.46 -2.23
CA PRO A 332 10.11 5.06 -1.84
C PRO A 332 8.77 4.35 -1.87
N ASN A 333 8.81 3.03 -2.01
CA ASN A 333 7.58 2.25 -1.94
C ASN A 333 7.48 1.46 -0.63
N ILE A 334 8.31 1.74 0.36
CA ILE A 334 8.39 0.85 1.51
C ILE A 334 7.19 0.98 2.44
N PRO A 335 6.96 -0.03 3.31
CA PRO A 335 5.73 -0.03 4.14
C PRO A 335 5.64 1.14 5.12
N GLN A 336 6.76 1.72 5.52
CA GLN A 336 6.75 2.81 6.50
C GLN A 336 6.30 4.14 5.89
N MET A 337 6.23 4.25 4.56
CA MET A 337 5.88 5.50 3.91
C MET A 337 4.57 6.05 4.47
N SER A 338 3.64 5.13 4.77
CA SER A 338 2.34 5.50 5.34
C SER A 338 2.50 6.27 6.65
N ALA A 339 3.32 5.77 7.58
CA ALA A 339 3.48 6.41 8.88
C ALA A 339 4.29 7.71 8.80
N PHE A 340 5.19 7.81 7.82
CA PHE A 340 5.85 9.07 7.54
C PHE A 340 4.84 10.13 7.11
N TRP A 341 4.04 9.82 6.09
CA TRP A 341 3.06 10.79 5.60
C TRP A 341 2.07 11.20 6.70
N TYR A 342 1.56 10.22 7.48
CA TYR A 342 0.64 10.57 8.56
C TYR A 342 1.30 11.50 9.55
N ALA A 343 2.55 11.20 9.90
CA ALA A 343 3.28 12.02 10.87
C ALA A 343 3.52 13.42 10.33
N VAL A 344 3.90 13.55 9.06
CA VAL A 344 4.12 14.87 8.51
C VAL A 344 2.80 15.59 8.25
N ARG A 345 1.71 14.86 7.97
CA ARG A 345 0.41 15.53 7.90
C ARG A 345 0.15 16.29 9.19
N THR A 346 0.19 15.60 10.32
CA THR A 346 -0.13 16.24 11.59
C THR A 346 0.79 17.42 11.87
N ALA A 347 2.09 17.27 11.58
CA ALA A 347 3.06 18.30 11.94
C ALA A 347 2.84 19.58 11.15
N VAL A 348 2.56 19.45 9.85
CA VAL A 348 2.28 20.63 9.04
C VAL A 348 1.01 21.31 9.54
N ILE A 349 -0.07 20.53 9.63
CA ILE A 349 -1.37 21.04 10.03
C ILE A 349 -1.27 21.78 11.37
N ASN A 350 -0.48 21.23 12.30
CA ASN A 350 -0.39 21.83 13.63
C ASN A 350 0.47 23.10 13.62
N ALA A 351 1.66 23.04 13.03
CA ALA A 351 2.47 24.24 12.91
C ALA A 351 1.71 25.34 12.18
N ALA A 352 1.05 25.00 11.08
CA ALA A 352 0.35 26.00 10.29
C ALA A 352 -0.78 26.66 11.09
N SER A 353 -1.62 25.86 11.73
CA SER A 353 -2.73 26.40 12.49
C SER A 353 -2.23 27.27 13.63
N GLY A 354 -1.14 26.86 14.27
CA GLY A 354 -0.56 27.56 15.40
C GLY A 354 -0.56 26.78 16.70
N ARG A 355 -0.98 25.51 16.71
CA ARG A 355 -1.09 24.77 17.97
C ARG A 355 0.26 24.31 18.51
N GLN A 356 1.31 24.32 17.69
CA GLN A 356 2.64 23.94 18.15
C GLN A 356 3.67 24.84 17.48
N THR A 357 4.89 24.81 18.00
CA THR A 357 6.03 25.36 17.26
C THR A 357 6.49 24.32 16.24
N VAL A 358 7.27 24.80 15.25
CA VAL A 358 7.89 23.89 14.30
C VAL A 358 8.76 22.86 15.04
N ASP A 359 9.51 23.32 16.04
CA ASP A 359 10.44 22.46 16.75
C ASP A 359 9.72 21.39 17.56
N GLU A 360 8.51 21.66 18.04
CA GLU A 360 7.76 20.64 18.78
C GLU A 360 7.05 19.67 17.84
N ALA A 361 6.59 20.17 16.69
CA ALA A 361 5.82 19.35 15.76
C ALA A 361 6.73 18.42 14.96
N LEU A 362 7.76 18.96 14.32
CA LEU A 362 8.70 18.12 13.58
C LEU A 362 9.49 17.19 14.50
N LYS A 363 9.42 17.39 15.81
CA LYS A 363 9.99 16.40 16.73
C LYS A 363 8.96 15.35 17.14
N ASP A 364 7.67 15.67 17.09
CA ASP A 364 6.66 14.62 17.06
C ASP A 364 6.77 13.81 15.78
N ALA A 365 6.84 14.50 14.64
CA ALA A 365 6.99 13.81 13.37
C ALA A 365 8.18 12.86 13.38
N GLN A 366 9.27 13.22 14.05
CA GLN A 366 10.45 12.37 14.09
C GLN A 366 10.17 11.06 14.82
N THR A 367 9.62 11.13 16.04
CA THR A 367 9.37 9.88 16.78
C THR A 367 8.24 9.08 16.14
N ASN A 368 7.14 9.76 15.76
CA ASN A 368 5.99 9.05 15.21
C ASN A 368 6.33 8.38 13.88
N SER A 369 7.22 8.99 13.10
CA SER A 369 7.67 8.38 11.86
C SER A 369 8.25 6.99 12.07
N SER A 370 8.66 6.64 13.29
CA SER A 370 9.40 5.41 13.57
C SER A 370 8.60 4.50 14.48
N SER A 371 8.13 3.39 13.91
CA SER A 371 7.31 2.41 14.62
C SER A 371 5.96 3.00 14.96
N PRO A 376 -1.39 -4.69 14.07
CA PRO A 376 -1.44 -6.05 14.63
C PRO A 376 -2.71 -6.78 14.20
N ASN A 377 -3.83 -6.06 14.24
CA ASN A 377 -5.12 -6.67 13.96
C ASN A 377 -5.28 -7.04 12.49
N ALA A 378 -4.69 -6.24 11.59
CA ALA A 378 -4.87 -6.50 10.17
C ALA A 378 -4.15 -7.79 9.75
N GLN A 379 -2.94 -8.00 10.25
CA GLN A 379 -2.24 -9.24 9.99
C GLN A 379 -3.00 -10.44 10.59
N GLU A 380 -3.63 -10.26 11.75
CA GLU A 380 -4.40 -11.35 12.33
C GLU A 380 -5.47 -11.84 11.36
N ASP A 381 -6.20 -10.91 10.74
CA ASP A 381 -7.25 -11.32 9.81
C ASP A 381 -6.66 -12.06 8.62
N ASN A 382 -5.49 -11.62 8.15
CA ASN A 382 -4.75 -12.35 7.12
C ASN A 382 -4.53 -13.80 7.53
N TYR A 383 -3.88 -13.99 8.67
CA TYR A 383 -3.52 -15.31 9.15
C TYR A 383 -4.76 -16.17 9.41
N LYS A 384 -5.83 -15.58 9.91
CA LYS A 384 -7.03 -16.35 10.25
C LYS A 384 -7.59 -17.07 9.03
N ARG A 385 -7.49 -16.49 7.84
CA ARG A 385 -7.96 -17.19 6.65
C ARG A 385 -7.26 -18.54 6.48
N ILE A 386 -5.93 -18.53 6.60
CA ILE A 386 -5.14 -19.75 6.55
C ILE A 386 -5.49 -20.65 7.72
N VAL A 387 -5.48 -20.10 8.94
CA VAL A 387 -5.77 -20.93 10.10
C VAL A 387 -7.15 -21.56 9.95
N LYS A 388 -8.10 -20.82 9.39
CA LYS A 388 -9.47 -21.30 9.29
C LYS A 388 -9.59 -22.43 8.28
N SER A 389 -8.89 -22.35 7.15
CA SER A 389 -8.99 -23.42 6.17
C SER A 389 -8.49 -24.76 6.73
N TYR A 390 -7.48 -24.70 7.60
CA TYR A 390 -6.81 -25.88 8.14
C TYR A 390 -7.55 -26.49 9.33
N VAL A 391 -8.04 -25.64 10.24
CA VAL A 391 -8.88 -26.12 11.34
C VAL A 391 -10.18 -26.70 10.79
N GLY A 392 -10.76 -26.04 9.78
CA GLY A 392 -11.95 -26.59 9.15
C GLY A 392 -11.73 -28.00 8.63
N GLU A 393 -10.65 -28.22 7.88
CA GLU A 393 -10.40 -29.54 7.32
C GLU A 393 -10.21 -30.56 8.44
N LYS A 394 -9.47 -30.21 9.50
CA LYS A 394 -9.31 -31.16 10.59
C LYS A 394 -10.63 -31.45 11.29
N LEU A 395 -11.57 -30.49 11.27
CA LEU A 395 -12.88 -30.72 11.85
C LEU A 395 -13.66 -31.73 11.02
N ARG A 396 -13.72 -31.53 9.70
CA ARG A 396 -14.39 -32.49 8.84
C ARG A 396 -13.76 -33.87 8.99
N LYS A 397 -12.44 -33.94 9.22
CA LYS A 397 -11.75 -35.21 9.33
C LYS A 397 -12.22 -36.01 10.54
N LYS A 398 -12.58 -35.33 11.63
CA LYS A 398 -13.03 -36.01 12.84
C LYS A 398 -14.54 -36.20 12.88
N GLY A 399 -15.24 -35.71 11.87
CA GLY A 399 -16.69 -35.84 11.85
C GLY A 399 -17.42 -34.78 12.65
N LEU A 400 -16.82 -33.61 12.83
CA LEU A 400 -17.46 -32.52 13.57
C LEU A 400 -18.12 -31.56 12.60
N LYS A 401 -19.33 -31.13 12.95
CA LYS A 401 -20.13 -30.18 12.18
C LYS A 401 -20.25 -28.91 13.01
N ILE A 402 -19.42 -27.91 12.70
CA ILE A 402 -19.31 -26.70 13.49
C ILE A 402 -19.71 -25.52 12.63
N ARG A 403 -20.65 -24.70 13.13
CA ARG A 403 -21.14 -23.55 12.38
C ARG A 403 -20.00 -22.71 11.84
N GLY A 404 -20.14 -22.26 10.61
CA GLY A 404 -19.15 -21.39 10.03
C GLY A 404 -17.86 -22.08 9.67
N TYR A 405 -17.74 -23.36 9.97
CA TYR A 405 -16.63 -24.20 9.56
C TYR A 405 -17.14 -25.31 8.63
N GLU A 406 -18.12 -24.93 7.82
CA GLU A 406 -18.77 -25.80 6.85
C GLU A 406 -18.35 -25.35 5.45
N GLY A 407 -17.84 -26.29 4.65
CA GLY A 407 -17.45 -25.95 3.30
C GLY A 407 -16.16 -25.14 3.23
N GLU A 408 -15.55 -25.14 2.04
CA GLU A 408 -14.30 -24.42 1.81
C GLU A 408 -14.52 -23.01 1.26
N GLU A 409 -14.61 -22.90 -0.06
CA GLU A 409 -14.86 -21.61 -0.73
C GLU A 409 -13.67 -20.67 -0.60
N LEU A 410 -12.48 -21.20 -0.79
CA LEU A 410 -11.25 -20.43 -0.59
C LEU A 410 -10.97 -19.54 -1.81
N LYS A 411 -10.39 -18.38 -1.56
CA LYS A 411 -10.11 -17.39 -2.59
C LYS A 411 -8.61 -17.26 -2.87
N PRO A 412 -8.24 -16.71 -4.03
CA PRO A 412 -7.03 -17.14 -4.76
C PRO A 412 -5.80 -17.38 -3.91
N PRO A 413 -5.32 -16.42 -3.09
CA PRO A 413 -4.01 -16.71 -2.45
C PRO A 413 -4.07 -17.95 -1.58
N VAL A 414 -5.13 -18.11 -0.78
CA VAL A 414 -5.17 -19.17 0.20
C VAL A 414 -5.35 -20.54 -0.43
N ILE A 415 -5.85 -20.62 -1.67
CA ILE A 415 -6.01 -21.93 -2.31
C ILE A 415 -4.66 -22.65 -2.33
N GLU A 416 -3.65 -22.00 -2.90
CA GLU A 416 -2.34 -22.65 -3.00
C GLU A 416 -1.74 -22.88 -1.63
N ILE A 417 -1.77 -21.85 -0.77
CA ILE A 417 -1.21 -21.97 0.57
C ILE A 417 -1.86 -23.13 1.29
N ALA A 418 -3.19 -23.15 1.32
CA ALA A 418 -3.92 -24.22 2.00
C ALA A 418 -3.45 -25.58 1.52
N LYS A 419 -3.34 -25.74 0.19
CA LYS A 419 -2.90 -27.01 -0.38
C LYS A 419 -1.54 -27.42 0.17
N THR A 420 -0.55 -26.51 0.09
CA THR A 420 0.76 -26.85 0.60
C THR A 420 0.74 -27.13 2.10
N LEU A 421 -0.05 -26.36 2.86
CA LEU A 421 -0.05 -26.53 4.31
C LEU A 421 -0.63 -27.90 4.71
N GLN A 422 -1.68 -28.35 4.05
CA GLN A 422 -2.22 -29.67 4.38
C GLN A 422 -1.21 -30.77 4.03
N ARG A 423 -0.51 -30.60 2.91
CA ARG A 423 0.44 -31.63 2.47
C ARG A 423 1.55 -31.84 3.50
N VAL A 424 2.24 -30.77 3.90
CA VAL A 424 3.35 -30.93 4.84
C VAL A 424 2.86 -31.13 6.27
N GLY A 425 1.64 -30.68 6.61
CA GLY A 425 1.11 -30.93 7.93
C GLY A 425 0.79 -32.40 8.17
N ASP A 426 0.18 -33.06 7.18
CA ASP A 426 -0.03 -34.50 7.27
C ASP A 426 1.29 -35.25 7.38
N GLU A 427 2.33 -34.77 6.69
CA GLU A 427 3.66 -35.35 6.84
C GLU A 427 4.04 -35.43 8.32
N LEU A 428 3.94 -34.30 9.02
CA LEU A 428 4.41 -34.20 10.39
C LEU A 428 3.72 -35.20 11.32
N GLU A 429 2.39 -35.25 11.30
CA GLU A 429 1.71 -36.08 12.29
C GLU A 429 1.55 -37.53 11.85
N SER A 430 1.60 -37.81 10.54
CA SER A 430 1.70 -39.21 10.11
C SER A 430 2.93 -39.88 10.73
N ALA A 431 4.00 -39.13 10.93
CA ALA A 431 5.21 -39.67 11.52
C ALA A 431 5.17 -39.68 13.05
N ASN A 432 4.08 -39.22 13.66
CA ASN A 432 3.95 -39.18 15.11
C ASN A 432 2.48 -39.40 15.49
N THR A 433 1.90 -40.53 15.08
CA THR A 433 0.46 -40.70 15.25
C THR A 433 0.07 -40.94 16.70
N ASP A 434 0.93 -41.62 17.49
CA ASP A 434 0.59 -41.88 18.88
C ASP A 434 0.66 -40.61 19.73
N PHE A 435 1.82 -39.93 19.72
CA PHE A 435 1.99 -38.72 20.52
C PHE A 435 0.79 -37.80 20.41
N PHE A 436 0.32 -37.59 19.17
CA PHE A 436 -0.75 -36.64 18.93
C PHE A 436 -2.10 -37.18 19.41
N LYS A 437 -2.39 -38.45 19.16
CA LYS A 437 -3.70 -38.97 19.53
C LYS A 437 -3.91 -38.93 21.05
N ASN A 438 -2.81 -39.03 21.81
CA ASN A 438 -2.89 -38.97 23.27
C ASN A 438 -2.55 -37.59 23.82
N MET A 439 -2.37 -36.59 22.97
CA MET A 439 -1.81 -35.33 23.45
C MET A 439 -2.71 -34.70 24.52
N CYS A 440 -4.03 -34.73 24.32
CA CYS A 440 -4.93 -34.03 25.21
C CYS A 440 -5.15 -34.77 26.53
N ASP A 441 -5.10 -36.10 26.50
CA ASP A 441 -5.22 -36.84 27.76
C ASP A 441 -4.06 -36.58 28.70
N GLN A 442 -2.90 -36.17 28.18
CA GLN A 442 -1.80 -35.73 29.04
C GLN A 442 -2.13 -34.39 29.70
N LEU A 443 -2.55 -33.41 28.91
CA LEU A 443 -2.63 -32.02 29.39
C LEU A 443 -3.72 -31.85 30.43
N GLN A 444 -4.89 -32.45 30.21
CA GLN A 444 -6.03 -32.29 31.10
C GLN A 444 -6.49 -30.83 31.13
N ILE A 445 -6.74 -30.31 29.93
CA ILE A 445 -7.34 -29.00 29.76
C ILE A 445 -8.70 -28.89 30.44
N THR A 446 -9.02 -27.69 30.90
CA THR A 446 -10.31 -27.33 31.45
C THR A 446 -10.56 -25.85 31.13
N PRO A 447 -11.83 -25.41 31.22
CA PRO A 447 -12.10 -24.01 30.85
C PRO A 447 -11.24 -23.03 31.64
N SER A 448 -10.79 -23.41 32.83
CA SER A 448 -10.01 -22.53 33.70
C SER A 448 -8.50 -22.69 33.51
N THR A 449 -8.04 -23.75 32.86
CA THR A 449 -6.63 -23.96 32.60
C THR A 449 -6.29 -23.92 31.13
N ALA A 450 -7.28 -23.65 30.27
CA ALA A 450 -7.09 -23.83 28.83
C ALA A 450 -6.17 -22.76 28.25
N TYR A 451 -6.43 -21.48 28.56
CA TYR A 451 -5.61 -20.41 27.99
C TYR A 451 -4.17 -20.49 28.45
N PRO A 452 -3.87 -20.66 29.75
CA PRO A 452 -2.46 -20.75 30.14
C PRO A 452 -1.73 -21.98 29.61
N THR A 453 -2.40 -23.12 29.54
CA THR A 453 -1.77 -24.28 28.91
C THR A 453 -1.42 -24.00 27.45
N PHE A 454 -2.34 -23.36 26.69
CA PHE A 454 -2.05 -23.07 25.28
C PHE A 454 -0.84 -22.17 25.12
N GLN A 455 -0.75 -21.10 25.94
CA GLN A 455 0.38 -20.20 25.85
C GLN A 455 1.65 -20.90 26.34
N SER A 456 1.57 -21.53 27.51
CA SER A 456 2.71 -22.20 28.11
C SER A 456 3.41 -23.14 27.14
N ILE A 457 2.62 -23.94 26.41
CA ILE A 457 3.24 -24.88 25.47
C ILE A 457 3.75 -24.13 24.25
N ALA A 458 2.94 -23.24 23.69
CA ALA A 458 3.38 -22.53 22.49
C ALA A 458 4.71 -21.83 22.74
N ASP A 459 4.82 -21.15 23.89
CA ASP A 459 6.05 -20.44 24.20
C ASP A 459 7.24 -21.39 24.28
N GLU A 460 7.04 -22.60 24.82
CA GLU A 460 8.18 -23.50 24.99
C GLU A 460 8.60 -24.16 23.68
N ILE A 461 7.74 -24.16 22.66
CA ILE A 461 8.16 -24.62 21.35
C ILE A 461 9.25 -23.71 20.79
N PHE A 462 9.04 -22.41 20.94
CA PHE A 462 9.79 -21.40 20.21
C PHE A 462 10.88 -20.75 21.04
N VAL A 463 11.09 -21.20 22.29
CA VAL A 463 12.01 -20.50 23.16
C VAL A 463 13.43 -20.56 22.59
N SER A 464 13.77 -21.66 21.92
CA SER A 464 15.12 -21.78 21.37
C SER A 464 15.22 -21.33 19.92
N GLY A 465 14.13 -20.90 19.29
CA GLY A 465 14.20 -20.31 17.98
C GLY A 465 13.12 -20.84 17.06
N LYS A 466 13.10 -20.30 15.84
CA LYS A 466 11.99 -20.50 14.90
C LYS A 466 12.49 -20.98 13.53
N ASN A 467 11.65 -21.80 12.88
CA ASN A 467 11.81 -22.23 11.50
C ASN A 467 10.45 -22.68 10.97
N TRP A 468 10.35 -22.82 9.64
CA TRP A 468 9.05 -23.12 9.03
C TRP A 468 8.46 -24.42 9.59
N GLY A 469 9.30 -25.33 10.07
CA GLY A 469 8.78 -26.58 10.62
C GLY A 469 8.23 -26.41 12.02
N ARG A 470 8.89 -25.59 12.84
CA ARG A 470 8.35 -25.27 14.15
C ARG A 470 7.02 -24.51 14.04
N VAL A 471 6.76 -23.89 12.90
CA VAL A 471 5.49 -23.19 12.69
C VAL A 471 4.40 -24.17 12.33
N VAL A 472 4.72 -25.14 11.48
CA VAL A 472 3.75 -26.19 11.13
C VAL A 472 3.41 -27.04 12.34
N ALA A 473 4.43 -27.41 13.11
CA ALA A 473 4.19 -28.11 14.38
C ALA A 473 3.24 -27.30 15.25
N PHE A 474 3.45 -26.00 15.33
CA PHE A 474 2.60 -25.14 16.12
C PHE A 474 1.17 -25.10 15.60
N LEU A 475 1.01 -24.97 14.28
CA LEU A 475 -0.32 -24.98 13.68
C LEU A 475 -1.02 -26.33 13.84
N THR A 476 -0.27 -27.43 13.90
CA THR A 476 -0.94 -28.71 14.11
C THR A 476 -1.34 -28.91 15.56
N PHE A 477 -0.52 -28.43 16.51
CA PHE A 477 -0.89 -28.42 17.93
C PHE A 477 -2.18 -27.64 18.14
N GLY A 478 -2.23 -26.40 17.65
CA GLY A 478 -3.41 -25.57 17.90
C GLY A 478 -4.65 -26.12 17.23
N GLY A 479 -4.49 -26.66 16.02
CA GLY A 479 -5.62 -27.33 15.39
C GLY A 479 -6.13 -28.50 16.22
N ASN A 480 -5.22 -29.32 16.74
CA ASN A 480 -5.65 -30.43 17.57
C ASN A 480 -6.25 -29.95 18.88
N PHE A 481 -5.64 -28.92 19.48
CA PHE A 481 -6.22 -28.28 20.65
C PHE A 481 -7.66 -27.86 20.38
N ALA A 482 -7.91 -27.27 19.21
CA ALA A 482 -9.24 -26.79 18.88
C ALA A 482 -10.23 -27.93 18.79
N VAL A 483 -9.92 -28.94 17.97
CA VAL A 483 -10.81 -30.09 17.81
C VAL A 483 -11.13 -30.70 19.16
N HIS A 484 -10.17 -30.70 20.06
CA HIS A 484 -10.38 -31.27 21.38
C HIS A 484 -11.37 -30.43 22.18
N CYS A 485 -11.30 -29.11 22.02
CA CYS A 485 -12.25 -28.24 22.73
C CYS A 485 -13.67 -28.43 22.23
N ALA A 486 -13.85 -28.54 20.91
CA ALA A 486 -15.17 -28.82 20.36
C ALA A 486 -15.74 -30.11 20.92
N LEU A 487 -14.89 -31.05 21.29
CA LEU A 487 -15.34 -32.37 21.71
C LEU A 487 -15.97 -32.37 23.11
N ARG A 488 -15.64 -31.40 23.96
CA ARG A 488 -16.10 -31.41 25.33
C ARG A 488 -17.38 -30.58 25.47
N ALA A 489 -18.41 -31.17 26.06
CA ALA A 489 -19.68 -30.49 26.23
C ALA A 489 -19.59 -29.25 27.13
N ASP A 490 -18.52 -29.12 27.92
CA ASP A 490 -18.35 -27.93 28.76
C ASP A 490 -17.53 -26.84 28.06
N MET A 491 -17.24 -27.02 26.76
CA MET A 491 -16.45 -26.07 25.96
C MET A 491 -16.95 -26.25 24.53
N GLY A 492 -17.76 -25.32 24.06
CA GLY A 492 -18.58 -25.59 22.89
C GLY A 492 -17.95 -25.29 21.55
N GLU A 493 -18.84 -25.11 20.56
CA GLU A 493 -18.50 -24.39 19.34
C GLU A 493 -17.91 -23.02 19.67
N GLU A 494 -18.17 -22.52 20.88
CA GLU A 494 -17.62 -21.22 21.23
C GLU A 494 -16.10 -21.28 21.33
N TYR A 495 -15.57 -22.41 21.80
CA TYR A 495 -14.13 -22.51 21.93
C TYR A 495 -13.43 -22.71 20.60
N VAL A 496 -14.16 -23.07 19.54
CA VAL A 496 -13.51 -23.31 18.25
C VAL A 496 -13.00 -22.00 17.67
N ASP A 497 -13.90 -21.04 17.41
CA ASP A 497 -13.47 -19.73 16.92
C ASP A 497 -12.55 -19.06 17.93
N ARG A 498 -12.74 -19.36 19.22
CA ARG A 498 -11.89 -18.79 20.25
C ARG A 498 -10.46 -19.28 20.12
N VAL A 499 -10.27 -20.59 19.95
CA VAL A 499 -8.91 -21.08 19.78
C VAL A 499 -8.35 -20.68 18.42
N VAL A 500 -9.19 -20.68 17.38
CA VAL A 500 -8.71 -20.19 16.08
C VAL A 500 -8.16 -18.79 16.23
N ASN A 501 -8.79 -17.97 17.08
CA ASN A 501 -8.29 -16.62 17.32
C ASN A 501 -6.99 -16.63 18.10
N TRP A 502 -6.91 -17.46 19.15
CA TRP A 502 -5.67 -17.58 19.90
C TRP A 502 -4.52 -17.87 18.95
N ILE A 503 -4.72 -18.82 18.03
CA ILE A 503 -3.69 -19.20 17.08
C ILE A 503 -3.36 -18.04 16.17
N SER A 504 -4.38 -17.37 15.62
CA SER A 504 -4.13 -16.30 14.65
C SER A 504 -3.43 -15.13 15.30
N LYS A 505 -3.89 -14.71 16.48
CA LYS A 505 -3.21 -13.65 17.20
C LYS A 505 -1.78 -14.04 17.55
N TYR A 506 -1.58 -15.26 18.04
CA TYR A 506 -0.23 -15.69 18.40
C TYR A 506 0.72 -15.49 17.22
N MET A 507 0.23 -15.73 16.00
CA MET A 507 1.07 -15.57 14.81
C MET A 507 1.31 -14.09 14.55
N ALA A 508 0.25 -13.29 14.52
CA ALA A 508 0.41 -11.86 14.29
C ALA A 508 1.33 -11.24 15.32
N VAL A 509 1.21 -11.66 16.58
CA VAL A 509 1.98 -11.04 17.64
C VAL A 509 3.42 -11.56 17.64
N ASN A 510 3.59 -12.88 17.66
CA ASN A 510 4.89 -13.44 17.99
C ASN A 510 5.69 -13.90 16.78
N LEU A 511 5.08 -14.10 15.62
CA LEU A 511 5.79 -14.72 14.49
C LEU A 511 5.80 -13.90 13.20
N ASP A 512 5.02 -12.82 13.09
CA ASP A 512 4.90 -12.09 11.83
C ASP A 512 6.26 -11.53 11.37
N TYR A 513 7.09 -11.12 12.32
CA TYR A 513 8.41 -10.59 11.94
C TYR A 513 9.22 -11.64 11.18
N TRP A 514 9.40 -12.81 11.81
CA TRP A 514 10.17 -13.88 11.20
C TRP A 514 9.57 -14.29 9.85
N ILE A 515 8.24 -14.38 9.78
CA ILE A 515 7.58 -14.83 8.56
C ILE A 515 7.88 -13.87 7.42
N ASN A 516 7.81 -12.58 7.67
CA ASN A 516 8.13 -11.61 6.61
C ASN A 516 9.61 -11.64 6.29
N GLN A 517 10.47 -11.79 7.29
CA GLN A 517 11.91 -11.85 7.03
C GLN A 517 12.26 -12.98 6.07
N GLN A 518 11.52 -14.09 6.13
CA GLN A 518 11.79 -15.27 5.32
C GLN A 518 10.84 -15.37 4.12
N GLY A 519 10.21 -14.26 3.74
CA GLY A 519 9.59 -14.15 2.42
C GLY A 519 8.06 -14.18 2.36
N GLY A 520 7.37 -14.17 3.50
CA GLY A 520 5.92 -14.27 3.47
C GLY A 520 5.50 -15.64 2.95
N TRP A 521 4.20 -15.78 2.66
CA TRP A 521 3.72 -17.10 2.29
C TRP A 521 4.26 -17.55 0.94
N ASP A 522 4.72 -16.64 0.09
CA ASP A 522 5.40 -17.06 -1.13
C ASP A 522 6.69 -17.81 -0.81
N GLY A 523 7.37 -17.43 0.26
CA GLY A 523 8.51 -18.21 0.71
C GLY A 523 8.12 -19.58 1.22
N PHE A 524 7.06 -19.64 2.04
CA PHE A 524 6.44 -20.91 2.42
C PHE A 524 6.22 -21.79 1.19
N LEU A 525 5.56 -21.24 0.16
CA LEU A 525 5.30 -22.03 -1.04
C LEU A 525 6.59 -22.57 -1.66
N ILE A 526 7.67 -21.80 -1.65
CA ILE A 526 8.88 -22.27 -2.30
C ILE A 526 9.63 -23.26 -1.42
N PHE A 527 9.71 -22.99 -0.11
CA PHE A 527 10.45 -23.89 0.77
C PHE A 527 9.90 -25.32 0.66
N PHE A 528 8.58 -25.46 0.69
CA PHE A 528 7.92 -26.77 0.70
C PHE A 528 7.45 -27.22 -0.68
N GLU A 529 7.88 -26.56 -1.76
CA GLU A 529 7.48 -26.89 -3.12
C GLU A 529 7.89 -28.32 -3.51
N LYS A 530 7.14 -28.87 -4.46
CA LYS A 530 7.19 -30.30 -4.72
C LYS A 530 8.22 -30.63 -5.80
N THR A 531 8.34 -31.94 -6.06
CA THR A 531 9.22 -32.53 -7.05
C THR A 531 10.49 -31.77 -7.41
N ASN B 3 1.99 -31.25 37.16
CA ASN B 3 0.80 -30.63 36.59
C ASN B 3 1.14 -30.02 35.23
N GLY B 4 2.09 -29.07 35.24
CA GLY B 4 2.46 -28.39 34.01
C GLY B 4 3.75 -28.87 33.38
N THR B 5 4.64 -29.45 34.18
CA THR B 5 5.83 -30.07 33.62
C THR B 5 5.49 -31.06 32.52
N VAL B 6 4.27 -31.60 32.53
CA VAL B 6 3.75 -32.31 31.37
C VAL B 6 3.79 -31.37 30.15
N ASN B 7 3.31 -30.14 30.34
CA ASN B 7 3.32 -29.17 29.26
C ASN B 7 4.72 -29.02 28.67
N LYS B 8 5.73 -28.97 29.54
CA LYS B 8 7.10 -28.85 29.07
C LYS B 8 7.50 -30.07 28.24
N GLU B 9 7.09 -31.26 28.67
CA GLU B 9 7.36 -32.47 27.91
C GLU B 9 6.71 -32.40 26.54
N VAL B 10 5.42 -32.07 26.50
CA VAL B 10 4.70 -31.98 25.24
C VAL B 10 5.40 -30.99 24.31
N ALA B 11 5.75 -29.82 24.83
CA ALA B 11 6.34 -28.78 24.00
C ALA B 11 7.71 -29.20 23.46
N HIS B 12 8.52 -29.84 24.28
CA HIS B 12 9.83 -30.29 23.80
C HIS B 12 9.65 -31.27 22.64
N CYS B 13 8.64 -32.13 22.72
CA CYS B 13 8.36 -33.06 21.64
C CYS B 13 7.93 -32.33 20.37
N LEU B 14 7.00 -31.39 20.49
CA LEU B 14 6.54 -30.67 19.31
C LEU B 14 7.72 -30.00 18.60
N LYS B 15 8.67 -29.48 19.37
CA LYS B 15 9.85 -28.83 18.77
C LYS B 15 10.63 -29.83 17.91
N ARG B 16 11.05 -30.94 18.51
CA ARG B 16 11.85 -31.93 17.78
C ARG B 16 11.10 -32.40 16.54
N ILE B 17 9.77 -32.52 16.65
CA ILE B 17 8.92 -32.93 15.54
C ILE B 17 9.01 -31.92 14.41
N GLY B 18 8.92 -30.64 14.76
CA GLY B 18 9.00 -29.60 13.76
C GLY B 18 10.34 -29.57 13.06
N ASP B 19 11.42 -29.75 13.84
CA ASP B 19 12.76 -29.74 13.25
C ASP B 19 12.94 -30.88 12.24
N ASP B 20 12.37 -32.05 12.52
CA ASP B 20 12.48 -33.16 11.58
C ASP B 20 11.87 -32.77 10.24
N LEU B 21 10.74 -32.05 10.26
CA LEU B 21 10.07 -31.67 9.02
C LEU B 21 10.94 -30.71 8.20
N VAL B 22 11.56 -29.75 8.88
CA VAL B 22 12.42 -28.79 8.19
C VAL B 22 13.59 -29.53 7.54
N ASN B 23 14.18 -30.47 8.26
CA ASN B 23 15.36 -31.16 7.75
C ASN B 23 15.00 -32.02 6.54
N ASN B 24 13.75 -32.45 6.43
CA ASN B 24 13.36 -33.28 5.30
C ASN B 24 13.06 -32.45 4.05
N HIS B 25 13.13 -31.12 4.14
CA HIS B 25 12.83 -30.25 3.01
C HIS B 25 13.92 -29.21 2.78
N GLN B 26 15.13 -29.42 3.29
CA GLN B 26 16.14 -28.39 3.12
C GLN B 26 16.47 -28.15 1.65
N LEU B 27 16.18 -29.09 0.75
CA LEU B 27 16.60 -29.00 -0.66
C LEU B 27 15.43 -29.30 -1.60
N ASN B 28 15.47 -28.68 -2.77
CA ASN B 28 14.41 -28.86 -3.75
C ASN B 28 14.90 -29.31 -5.14
C1 GLC C . -2.63 13.20 -6.41
C2 GLC C . -1.38 12.34 -6.58
C3 GLC C . -1.05 11.45 -5.45
C4 GLC C . -0.90 12.28 -4.22
C5 GLC C . -2.19 13.06 -3.95
C6 GLC C . -2.11 14.01 -2.81
O1 GLC C . -3.75 12.44 -6.55
O2 GLC C . -1.65 11.61 -7.84
O3 GLC C . 0.22 10.88 -5.72
O4 GLC C . -0.75 11.48 -3.05
O5 GLC C . -2.72 13.87 -5.08
O6 GLC C . -3.38 14.50 -2.48
H1 GLC C . -2.60 13.88 -7.11
H2 GLC C . -0.58 12.87 -6.65
H3 GLC C . -1.73 10.75 -5.35
H4 GLC C . -0.11 12.83 -4.34
H5 GLC C . -2.81 12.34 -3.75
H61 GLC C . -1.53 14.75 -3.03
H62 GLC C . -1.75 13.55 -2.03
HO1 GLC C . -4.32 12.82 -7.05
HO2 GLC C . -1.38 10.80 -7.77
HO3 GLC C . 0.31 10.22 -5.22
HO6 GLC C . -3.37 15.35 -2.32
C1 GLC C . 0.49 11.47 -2.49
C2 GLC C . 0.80 10.02 -2.16
C3 GLC C . -0.14 9.45 -1.14
C4 GLC C . -0.09 10.21 0.15
C5 GLC C . -0.24 11.73 -0.14
C6 GLC C . 0.06 12.57 1.07
O2 GLC C . 0.73 9.31 -3.41
O3 GLC C . 0.32 8.11 -0.83
O4 GLC C . -1.20 9.90 1.02
O5 GLC C . 0.57 12.27 -1.24
O6 GLC C . -0.40 13.90 0.88
H1 GLC C . 1.10 11.88 -3.13
H2 GLC C . 1.69 9.91 -1.79
H3 GLC C . -1.04 9.45 -1.50
H4 GLC C . 0.75 9.96 0.59
H5 GLC C . -1.18 11.79 -0.37
H61 GLC C . 1.02 12.59 1.22
H62 GLC C . -0.37 12.18 1.85
HO2 GLC C . 0.19 8.67 -3.35
HO3 GLC C . -0.33 7.61 -0.61
HO6 GLC C . -0.96 14.10 1.50
C1 GLC C . -0.80 9.44 2.25
C2 GLC C . -1.53 8.14 2.59
C3 GLC C . -2.99 8.41 2.76
C4 GLC C . -3.32 9.48 3.81
C5 GLC C . -2.55 10.77 3.53
C6 GLC C . -2.70 11.79 4.64
O2 GLC C . -1.27 7.18 1.56
O3 GLC C . -3.64 7.18 3.23
O4 GLC C . -4.69 9.79 3.77
O5 GLC C . -1.10 10.50 3.31
O6 GLC C . -1.80 12.92 4.41
H1 GLC C . 0.15 9.29 2.20
H2 GLC C . -1.20 7.74 3.40
H3 GLC C . -3.32 8.70 1.91
H4 GLC C . -3.11 9.13 4.69
H5 GLC C . -2.93 11.17 2.73
H61 GLC C . -3.61 12.12 4.66
H62 GLC C . -2.49 11.38 5.49
HO2 GLC C . -1.68 7.38 0.83
HO3 GLC C . -4.20 7.34 3.86
HO4 GLC C . -5.12 9.27 4.28
HO6 GLC C . -1.10 12.67 4.00
#